data_5H9K
#
_entry.id   5H9K
#
_cell.length_a   35.130
_cell.length_b   58.700
_cell.length_c   35.480
_cell.angle_alpha   90.000
_cell.angle_beta   111.780
_cell.angle_gamma   90.000
#
_symmetry.space_group_name_H-M   'P 1 21 1'
#
loop_
_entity.id
_entity.type
_entity.pdbx_description
1 polymer 'Lipocalin AI-4'
2 water water
#
_entity_poly.entity_id   1
_entity_poly.type   'polypeptide(L)'
_entity_poly.pdbx_seq_one_letter_code
;AEVTSIPTGCNALSGKIMSGFDANRFFTGDWYLTHSRDSEVPVRCEKYQTGSNLQLNFNGKNGDVKCSGSTVSGNQGFYS
FQCTTTSGGSFTSYMAVVETDYANYALLYRCGLYGSTTPKDNFLLFNRQSSGEIPAGLSTKLNQLELTSLNKLGCS
;
_entity_poly.pdbx_strand_id   A
#
# COMPACT_ATOMS: atom_id res chain seq x y z
N VAL A 3 17.49 2.78 5.83
CA VAL A 3 16.50 2.10 6.66
C VAL A 3 16.71 0.58 6.59
N THR A 4 16.92 -0.04 7.75
CA THR A 4 17.28 -1.47 7.79
C THR A 4 16.12 -2.37 8.21
N SER A 5 15.28 -1.93 9.14
CA SER A 5 14.14 -2.74 9.53
CA SER A 5 14.15 -2.74 9.54
C SER A 5 12.90 -1.91 9.86
N ILE A 6 11.75 -2.58 9.82
CA ILE A 6 10.47 -1.94 10.05
C ILE A 6 10.22 -1.79 11.56
N PRO A 7 9.30 -0.91 11.95
CA PRO A 7 9.08 -0.68 13.38
C PRO A 7 8.43 -1.85 14.08
N THR A 8 8.62 -1.95 15.40
CA THR A 8 7.81 -2.86 16.19
C THR A 8 6.35 -2.43 16.02
N GLY A 9 5.46 -3.41 15.97
CA GLY A 9 4.06 -3.16 15.69
C GLY A 9 3.71 -3.42 14.22
N CYS A 10 4.74 -3.48 13.39
CA CYS A 10 4.55 -3.72 11.95
C CYS A 10 4.86 -5.18 11.66
N ASN A 11 3.92 -5.89 11.05
CA ASN A 11 4.12 -7.30 10.74
C ASN A 11 5.17 -7.48 9.63
N ALA A 12 6.17 -8.31 9.87
CA ALA A 12 7.24 -8.54 8.90
C ALA A 12 6.78 -9.39 7.72
N LEU A 13 5.62 -10.05 7.87
CA LEU A 13 5.04 -10.90 6.83
C LEU A 13 6.01 -11.98 6.34
N SER A 14 6.72 -12.61 7.27
CA SER A 14 7.70 -13.62 6.89
C SER A 14 7.09 -14.71 6.03
N GLY A 15 7.67 -14.95 4.88
CA GLY A 15 7.23 -16.01 4.00
C GLY A 15 5.97 -15.72 3.20
N LYS A 16 5.42 -14.50 3.32
CA LYS A 16 4.14 -14.21 2.70
C LYS A 16 4.22 -13.32 1.48
N ILE A 17 5.37 -12.68 1.27
CA ILE A 17 5.51 -11.72 0.19
C ILE A 17 5.96 -12.40 -1.09
N MET A 18 5.35 -12.02 -2.21
CA MET A 18 5.72 -12.55 -3.53
C MET A 18 7.23 -12.45 -3.81
N SER A 19 7.75 -13.43 -4.55
CA SER A 19 9.11 -13.33 -5.04
C SER A 19 9.11 -12.66 -6.40
N GLY A 20 10.27 -12.16 -6.82
CA GLY A 20 10.41 -11.55 -8.14
C GLY A 20 9.68 -10.24 -8.37
N PHE A 21 9.49 -9.45 -7.33
CA PHE A 21 8.82 -8.16 -7.47
C PHE A 21 9.57 -7.20 -8.39
N ASP A 22 8.85 -6.65 -9.36
CA ASP A 22 9.40 -5.70 -10.32
C ASP A 22 8.93 -4.30 -9.95
N ALA A 23 9.75 -3.58 -9.19
CA ALA A 23 9.34 -2.27 -8.67
C ALA A 23 8.98 -1.29 -9.78
N ASN A 24 9.72 -1.35 -10.88
CA ASN A 24 9.49 -0.45 -12.01
CA ASN A 24 9.47 -0.41 -11.97
C ASN A 24 8.07 -0.56 -12.55
N ARG A 25 7.59 -1.79 -12.71
CA ARG A 25 6.25 -2.03 -13.24
C ARG A 25 5.15 -1.65 -12.26
N PHE A 26 5.42 -1.80 -10.97
CA PHE A 26 4.44 -1.37 -9.99
C PHE A 26 4.37 0.15 -9.90
N PHE A 27 5.51 0.82 -9.88
CA PHE A 27 5.57 2.28 -9.75
C PHE A 27 5.48 2.99 -11.10
N THR A 28 4.56 2.51 -11.93
CA THR A 28 4.21 3.20 -13.15
C THR A 28 2.70 3.17 -13.28
N GLY A 29 2.11 4.31 -13.63
CA GLY A 29 0.68 4.37 -13.84
C GLY A 29 -0.11 4.54 -12.55
N ASP A 30 -1.41 4.70 -12.70
CA ASP A 30 -2.30 4.96 -11.59
C ASP A 30 -2.83 3.67 -10.97
N TRP A 31 -3.11 3.72 -9.69
CA TRP A 31 -3.80 2.67 -8.95
C TRP A 31 -4.98 3.26 -8.17
N TYR A 32 -6.09 2.53 -8.07
CA TYR A 32 -7.23 2.94 -7.25
C TYR A 32 -7.31 2.04 -6.02
N LEU A 33 -7.45 2.65 -4.84
CA LEU A 33 -7.61 1.89 -3.62
C LEU A 33 -9.09 1.51 -3.48
N THR A 34 -9.44 0.33 -3.99
CA THR A 34 -10.86 -0.05 -4.10
C THR A 34 -11.40 -0.79 -2.88
N HIS A 35 -10.54 -1.49 -2.15
CA HIS A 35 -10.95 -2.27 -0.98
C HIS A 35 -9.85 -2.22 0.08
N SER A 36 -10.21 -2.42 1.34
CA SER A 36 -9.18 -2.50 2.38
C SER A 36 -9.67 -3.37 3.54
N ARG A 37 -8.74 -3.87 4.34
CA ARG A 37 -9.13 -4.72 5.46
C ARG A 37 -9.96 -3.93 6.46
N ASP A 38 -9.46 -2.74 6.81
CA ASP A 38 -10.12 -1.84 7.75
C ASP A 38 -10.56 -0.61 7.00
N SER A 39 -11.73 -0.08 7.35
CA SER A 39 -12.22 1.12 6.69
C SER A 39 -12.96 1.99 7.68
N GLU A 40 -13.00 3.29 7.37
CA GLU A 40 -13.60 4.31 8.21
C GLU A 40 -14.78 4.91 7.46
N VAL A 41 -15.76 5.42 8.18
CA VAL A 41 -16.88 6.10 7.54
C VAL A 41 -16.59 7.60 7.54
N PRO A 42 -16.81 8.27 6.41
CA PRO A 42 -17.31 7.74 5.13
C PRO A 42 -16.20 7.16 4.28
N VAL A 43 -16.52 6.16 3.48
CA VAL A 43 -15.54 5.63 2.54
C VAL A 43 -15.22 6.65 1.47
N ARG A 44 -14.03 6.50 0.89
CA ARG A 44 -13.50 7.43 -0.09
C ARG A 44 -12.93 6.65 -1.27
N CYS A 45 -12.67 7.33 -2.38
CA CYS A 45 -11.88 6.74 -3.44
C CYS A 45 -10.54 7.46 -3.53
N GLU A 46 -9.50 6.79 -3.05
CA GLU A 46 -8.14 7.30 -3.10
C GLU A 46 -7.45 6.78 -4.34
N LYS A 47 -6.99 7.70 -5.18
CA LYS A 47 -6.26 7.37 -6.39
C LYS A 47 -4.78 7.59 -6.15
N TYR A 48 -3.99 6.55 -6.37
CA TYR A 48 -2.54 6.63 -6.21
C TYR A 48 -1.88 6.81 -7.55
N GLN A 49 -1.03 7.82 -7.64
CA GLN A 49 -0.20 8.03 -8.81
C GLN A 49 1.22 7.69 -8.45
N THR A 50 1.96 7.22 -9.45
CA THR A 50 3.32 6.77 -9.22
C THR A 50 4.32 7.53 -10.07
N GLY A 51 5.58 7.41 -9.70
CA GLY A 51 6.66 8.03 -10.45
C GLY A 51 7.99 7.36 -10.20
N SER A 52 8.98 7.73 -11.00
CA SER A 52 10.32 7.19 -10.90
CA SER A 52 10.30 7.14 -10.89
C SER A 52 10.91 7.36 -9.52
N ASN A 53 11.84 6.47 -9.16
CA ASN A 53 12.48 6.50 -7.86
C ASN A 53 11.46 6.40 -6.73
N LEU A 54 10.56 5.45 -6.88
CA LEU A 54 9.66 5.05 -5.78
C LEU A 54 8.75 6.19 -5.30
N GLN A 55 8.17 6.94 -6.23
CA GLN A 55 7.22 7.97 -5.86
C GLN A 55 5.81 7.44 -5.77
N LEU A 56 5.07 7.92 -4.78
CA LEU A 56 3.70 7.50 -4.55
C LEU A 56 2.90 8.68 -4.03
N ASN A 57 1.97 9.18 -4.84
CA ASN A 57 1.09 10.27 -4.44
C ASN A 57 -0.34 9.79 -4.31
N PHE A 58 -1.16 10.51 -3.54
CA PHE A 58 -2.58 10.20 -3.52
C PHE A 58 -3.38 11.38 -2.96
N ASN A 59 -4.68 11.38 -3.25
CA ASN A 59 -5.60 12.34 -2.66
C ASN A 59 -6.02 11.86 -1.28
N GLY A 60 -5.37 12.41 -0.26
CA GLY A 60 -5.63 12.00 1.11
C GLY A 60 -6.75 12.79 1.77
N LYS A 61 -7.07 12.40 3.00
CA LYS A 61 -8.07 13.07 3.83
C LYS A 61 -7.88 14.58 3.93
N ASN A 62 -6.63 15.00 4.07
CA ASN A 62 -6.32 16.39 4.35
C ASN A 62 -5.59 17.04 3.19
N GLY A 63 -5.91 16.62 1.98
CA GLY A 63 -5.29 17.19 0.81
C GLY A 63 -4.36 16.20 0.13
N ASP A 64 -3.71 16.67 -0.93
CA ASP A 64 -2.82 15.81 -1.68
C ASP A 64 -1.60 15.41 -0.86
N VAL A 65 -1.22 14.14 -0.99
CA VAL A 65 -0.07 13.57 -0.30
C VAL A 65 0.98 13.18 -1.32
N LYS A 66 2.24 13.51 -1.07
CA LYS A 66 3.33 13.13 -1.96
C LYS A 66 4.36 12.35 -1.15
N CYS A 67 4.70 11.16 -1.62
CA CYS A 67 5.64 10.29 -0.89
C CYS A 67 6.81 9.86 -1.75
N SER A 68 7.95 9.70 -1.08
CA SER A 68 9.15 9.15 -1.70
C SER A 68 9.59 7.94 -0.89
N GLY A 69 9.84 6.83 -1.59
CA GLY A 69 10.18 5.60 -0.92
C GLY A 69 11.65 5.24 -0.90
N SER A 70 12.00 4.40 0.07
CA SER A 70 13.34 3.85 0.26
C SER A 70 13.19 2.37 0.62
N THR A 71 14.00 1.50 0.02
CA THR A 71 13.97 0.09 0.40
C THR A 71 14.37 -0.12 1.86
N VAL A 72 13.70 -1.09 2.50
CA VAL A 72 14.05 -1.54 3.83
C VAL A 72 14.84 -2.86 3.71
N SER A 73 16.15 -2.81 3.90
CA SER A 73 17.01 -3.94 3.54
C SER A 73 16.77 -5.24 4.32
N GLY A 74 16.34 -5.12 5.57
CA GLY A 74 16.17 -6.29 6.42
C GLY A 74 14.80 -6.92 6.34
N ASN A 75 13.90 -6.29 5.59
CA ASN A 75 12.54 -6.80 5.41
C ASN A 75 12.19 -6.75 3.94
N GLN A 76 12.52 -7.81 3.22
CA GLN A 76 12.37 -7.81 1.77
C GLN A 76 10.95 -7.48 1.33
N GLY A 77 10.83 -6.53 0.40
CA GLY A 77 9.54 -6.12 -0.10
C GLY A 77 9.03 -4.85 0.56
N PHE A 78 9.59 -4.48 1.70
CA PHE A 78 9.13 -3.28 2.38
C PHE A 78 9.82 -2.01 1.89
N TYR A 79 9.05 -0.94 1.88
CA TYR A 79 9.56 0.39 1.62
C TYR A 79 9.20 1.29 2.78
N SER A 80 10.10 2.21 3.08
CA SER A 80 9.81 3.33 3.95
C SER A 80 9.46 4.54 3.10
N PHE A 81 8.26 5.07 3.26
CA PHE A 81 7.84 6.25 2.49
C PHE A 81 7.87 7.49 3.37
N GLN A 82 8.57 8.53 2.93
CA GLN A 82 8.47 9.84 3.55
C GLN A 82 7.46 10.65 2.78
N CYS A 83 6.40 11.08 3.49
CA CYS A 83 5.27 11.75 2.85
C CYS A 83 5.07 13.15 3.39
N THR A 84 4.68 14.06 2.50
CA THR A 84 4.24 15.39 2.91
C THR A 84 2.85 15.64 2.36
N THR A 85 2.10 16.54 2.99
CA THR A 85 0.77 16.86 2.50
C THR A 85 0.62 18.36 2.23
N THR A 86 -0.35 18.72 1.41
CA THR A 86 -0.55 20.12 1.07
C THR A 86 -1.02 20.92 2.28
N SER A 87 -1.56 20.24 3.29
CA SER A 87 -2.00 20.92 4.50
CA SER A 87 -2.00 20.92 4.50
C SER A 87 -0.89 21.00 5.54
N GLY A 88 0.32 20.62 5.15
CA GLY A 88 1.48 20.75 6.02
C GLY A 88 1.90 19.55 6.84
N GLY A 89 1.29 18.40 6.58
CA GLY A 89 1.65 17.17 7.28
C GLY A 89 2.98 16.65 6.80
N SER A 90 3.59 15.83 7.65
CA SER A 90 4.84 15.16 7.31
C SER A 90 4.88 13.88 8.13
N PHE A 91 4.94 12.74 7.45
CA PHE A 91 4.90 11.48 8.16
C PHE A 91 5.61 10.39 7.38
N THR A 92 5.88 9.29 8.07
CA THR A 92 6.49 8.10 7.47
C THR A 92 5.47 6.97 7.46
N SER A 93 5.42 6.24 6.34
CA SER A 93 4.54 5.10 6.20
C SER A 93 5.32 3.95 5.58
N TYR A 94 5.19 2.75 6.15
CA TYR A 94 5.85 1.58 5.56
C TYR A 94 4.84 0.79 4.73
N MET A 95 5.26 0.34 3.55
CA MET A 95 4.38 -0.48 2.73
C MET A 95 5.15 -1.57 2.04
N ALA A 96 4.48 -2.69 1.82
CA ALA A 96 5.03 -3.79 1.05
C ALA A 96 3.99 -4.22 0.06
N VAL A 97 4.42 -4.53 -1.16
CA VAL A 97 3.53 -5.14 -2.13
C VAL A 97 3.57 -6.66 -1.89
N VAL A 98 2.48 -7.18 -1.34
CA VAL A 98 2.40 -8.59 -1.00
C VAL A 98 2.31 -9.44 -2.25
N GLU A 99 1.46 -9.02 -3.19
CA GLU A 99 1.26 -9.77 -4.43
C GLU A 99 0.66 -8.85 -5.47
N THR A 100 1.16 -8.92 -6.70
CA THR A 100 0.62 -8.11 -7.79
C THR A 100 0.84 -8.81 -9.11
N ASP A 101 -0.05 -8.54 -10.07
CA ASP A 101 0.17 -8.94 -11.46
C ASP A 101 0.53 -7.75 -12.36
N TYR A 102 0.72 -6.59 -11.74
CA TYR A 102 1.09 -5.31 -12.39
C TYR A 102 0.01 -4.70 -13.27
N ALA A 103 -0.68 -5.54 -14.04
CA ALA A 103 -1.62 -5.07 -15.05
C ALA A 103 -3.03 -4.85 -14.52
N ASN A 104 -3.35 -5.45 -13.37
CA ASN A 104 -4.72 -5.36 -12.84
C ASN A 104 -4.82 -5.03 -11.36
N TYR A 105 -4.07 -5.75 -10.52
CA TYR A 105 -4.27 -5.62 -9.07
C TYR A 105 -2.96 -5.69 -8.32
N ALA A 106 -2.99 -5.18 -7.09
CA ALA A 106 -1.88 -5.35 -6.15
C ALA A 106 -2.45 -5.36 -4.74
N LEU A 107 -2.02 -6.33 -3.96
CA LEU A 107 -2.33 -6.33 -2.53
C LEU A 107 -1.16 -5.73 -1.78
N LEU A 108 -1.43 -4.69 -0.99
CA LEU A 108 -0.39 -4.03 -0.20
C LEU A 108 -0.66 -4.17 1.28
N TYR A 109 0.42 -4.16 2.05
CA TYR A 109 0.35 -4.06 3.50
C TYR A 109 0.93 -2.70 3.89
N ARG A 110 0.26 -1.99 4.80
CA ARG A 110 0.73 -0.68 5.24
C ARG A 110 0.85 -0.60 6.74
N CYS A 111 1.95 0.00 7.21
CA CYS A 111 2.18 0.30 8.63
C CYS A 111 2.40 1.77 8.84
N GLY A 112 1.69 2.35 9.80
CA GLY A 112 1.92 3.73 10.18
C GLY A 112 3.15 3.86 11.05
N LEU A 113 3.47 5.10 11.41
CA LEU A 113 4.58 5.37 12.30
C LEU A 113 4.27 6.58 13.14
N TYR A 114 4.43 6.43 14.45
CA TYR A 114 4.38 7.55 15.37
C TYR A 114 5.61 7.43 16.24
N GLY A 115 6.53 8.38 16.13
CA GLY A 115 7.80 8.25 16.81
C GLY A 115 8.56 7.08 16.24
N SER A 116 8.84 6.08 17.07
CA SER A 116 9.64 4.93 16.63
C SER A 116 8.83 3.64 16.50
N THR A 117 7.51 3.73 16.61
CA THR A 117 6.70 2.52 16.56
C THR A 117 5.50 2.64 15.63
N THR A 118 5.03 1.48 15.17
CA THR A 118 3.85 1.38 14.33
C THR A 118 2.60 1.24 15.20
N PRO A 119 1.69 2.23 15.13
CA PRO A 119 0.48 2.20 15.96
C PRO A 119 -0.71 1.52 15.31
N LYS A 120 -0.65 1.34 14.01
CA LYS A 120 -1.81 0.90 13.25
C LYS A 120 -1.33 0.36 11.92
N ASP A 121 -2.01 -0.65 11.39
CA ASP A 121 -1.70 -1.15 10.06
C ASP A 121 -2.98 -1.47 9.25
N ASN A 122 -2.80 -1.93 8.02
CA ASN A 122 -3.95 -2.22 7.15
C ASN A 122 -3.48 -3.03 5.95
N PHE A 123 -4.40 -3.70 5.28
CA PHE A 123 -4.13 -4.29 3.97
C PHE A 123 -4.97 -3.55 2.95
N LEU A 124 -4.35 -3.20 1.83
CA LEU A 124 -4.95 -2.36 0.81
C LEU A 124 -5.03 -3.09 -0.52
N LEU A 125 -6.19 -3.05 -1.17
CA LEU A 125 -6.32 -3.60 -2.52
C LEU A 125 -6.29 -2.47 -3.54
N PHE A 126 -5.23 -2.46 -4.35
CA PHE A 126 -5.05 -1.51 -5.46
C PHE A 126 -5.53 -2.18 -6.73
N ASN A 127 -6.26 -1.43 -7.54
CA ASN A 127 -6.79 -1.91 -8.82
C ASN A 127 -6.47 -0.89 -9.91
N ARG A 128 -6.11 -1.37 -11.10
CA ARG A 128 -5.84 -0.44 -12.18
C ARG A 128 -7.13 0.29 -12.62
N GLN A 129 -8.27 -0.37 -12.45
CA GLN A 129 -9.56 0.25 -12.79
C GLN A 129 -10.30 0.61 -11.52
N SER A 130 -10.91 1.80 -11.52
CA SER A 130 -11.68 2.23 -10.37
C SER A 130 -12.88 1.33 -10.08
N SER A 131 -13.36 0.63 -11.12
CA SER A 131 -14.44 -0.34 -11.03
C SER A 131 -14.01 -1.73 -10.56
N GLY A 132 -12.72 -1.90 -10.24
CA GLY A 132 -12.17 -3.21 -9.95
C GLY A 132 -12.79 -3.96 -8.77
N GLU A 133 -12.86 -5.27 -8.91
CA GLU A 133 -13.36 -6.18 -7.88
C GLU A 133 -12.23 -6.69 -7.02
N ILE A 134 -12.58 -7.44 -5.97
CA ILE A 134 -11.62 -8.31 -5.33
C ILE A 134 -11.31 -9.39 -6.35
N PRO A 135 -10.06 -9.46 -6.82
CA PRO A 135 -9.80 -10.34 -7.97
C PRO A 135 -9.63 -11.81 -7.60
N ALA A 136 -10.11 -12.67 -8.48
CA ALA A 136 -9.92 -14.10 -8.34
C ALA A 136 -8.44 -14.44 -8.24
N GLY A 137 -7.62 -13.62 -8.91
CA GLY A 137 -6.19 -13.82 -8.94
C GLY A 137 -5.50 -13.66 -7.60
N LEU A 138 -6.19 -13.06 -6.62
CA LEU A 138 -5.65 -12.94 -5.27
C LEU A 138 -6.28 -13.93 -4.28
N SER A 139 -7.17 -14.81 -4.75
CA SER A 139 -7.91 -15.69 -3.85
CA SER A 139 -7.91 -15.61 -3.79
C SER A 139 -6.99 -16.55 -2.98
N THR A 140 -5.93 -17.07 -3.59
CA THR A 140 -5.00 -17.91 -2.83
C THR A 140 -4.36 -17.11 -1.70
N LYS A 141 -3.85 -15.94 -2.03
CA LYS A 141 -3.16 -15.11 -1.04
C LYS A 141 -4.13 -14.60 0.02
N LEU A 142 -5.33 -14.16 -0.38
CA LEU A 142 -6.29 -13.67 0.59
C LEU A 142 -6.74 -14.76 1.56
N ASN A 143 -6.92 -15.98 1.07
CA ASN A 143 -7.24 -17.07 1.97
C ASN A 143 -6.09 -17.39 2.91
N GLN A 144 -4.86 -17.41 2.38
CA GLN A 144 -3.69 -17.65 3.21
C GLN A 144 -3.57 -16.64 4.36
N LEU A 145 -3.81 -15.38 4.07
CA LEU A 145 -3.70 -14.30 5.05
C LEU A 145 -4.98 -14.11 5.87
N GLU A 146 -6.00 -14.92 5.57
CA GLU A 146 -7.31 -14.80 6.21
C GLU A 146 -7.89 -13.39 6.05
N LEU A 147 -7.79 -12.87 4.84
CA LEU A 147 -8.35 -11.57 4.48
C LEU A 147 -9.53 -11.82 3.55
N THR A 148 -10.58 -12.41 4.09
CA THR A 148 -11.62 -12.99 3.27
C THR A 148 -12.90 -12.14 3.21
N SER A 149 -12.86 -10.95 3.82
CA SER A 149 -13.98 -10.03 3.79
C SER A 149 -13.51 -8.59 3.61
N LEU A 150 -12.66 -8.34 2.63
CA LEU A 150 -12.15 -6.98 2.43
C LEU A 150 -13.32 -6.03 2.18
N ASN A 151 -13.24 -4.83 2.75
CA ASN A 151 -14.32 -3.86 2.65
C ASN A 151 -14.26 -3.05 1.38
N LYS A 152 -15.39 -2.94 0.69
CA LYS A 152 -15.51 -2.09 -0.49
C LYS A 152 -15.49 -0.61 -0.09
N LEU A 153 -14.66 0.17 -0.75
CA LEU A 153 -14.52 1.60 -0.44
C LEU A 153 -15.37 2.44 -1.42
N GLY A 154 -14.93 3.64 -1.77
CA GLY A 154 -15.77 4.59 -2.49
C GLY A 154 -15.55 4.72 -3.98
N CYS A 155 -14.76 3.84 -4.57
CA CYS A 155 -14.51 3.87 -6.02
C CYS A 155 -15.56 3.05 -6.77
N SER A 156 -15.77 3.38 -8.03
CA SER A 156 -16.65 2.57 -8.87
C SER A 156 -16.30 2.75 -10.34
#